data_8R7U
#
_entry.id   8R7U
#
_cell.length_a   38.346
_cell.length_b   118.109
_cell.length_c   47.460
_cell.angle_alpha   90.000
_cell.angle_beta   103.670
_cell.angle_gamma   90.000
#
_symmetry.space_group_name_H-M   'P 1 21 1'
#
loop_
_entity.id
_entity.type
_entity.pdbx_description
1 polymer 'Peptidyl-prolyl cis-trans isomerase'
2 polymer 'Dihydrocyclosporin A'
3 water water
#
loop_
_entity_poly.entity_id
_entity_poly.type
_entity_poly.pdbx_seq_one_letter_code
_entity_poly.pdbx_strand_id
1 'polypeptide(L)'
;GHMAPAPPANSGESSLLSESELPAGISYAEAMEGGSRPLLHPDNPVVFFDISIGSHEAGRIKIELFKNLAPKSAENFRQF
CTGEFRQNQVPIGYKGATFHRIIKNFMIQGGDFVKGDGTGRLSIYGSSFPDEAFVLPHFRSGLLSLANSGPDTNGCQFFI
TCAKCDWLNRKHVVFGQVLGKESMQVVRKIEHVTVDGGNRPRIPVTVTQCGEL
;
B,A
2 'polypeptide(L)' (DAL)(MLE)(MLE)(MVA)(TMD)(ABA)(SAR)(MLE)V(MLE)A C,D
#
# COMPACT_ATOMS: atom_id res chain seq x y z
N SER A 15 10.10 -15.22 18.16
CA SER A 15 10.07 -13.81 17.78
C SER A 15 8.76 -13.14 18.23
N LEU A 16 8.04 -13.81 19.12
CA LEU A 16 6.84 -13.22 19.71
C LEU A 16 7.22 -12.08 20.65
N LEU A 17 6.63 -10.91 20.41
CA LEU A 17 6.90 -9.74 21.23
C LEU A 17 6.07 -9.78 22.49
N SER A 18 6.68 -9.40 23.62
CA SER A 18 5.84 -9.25 24.80
C SER A 18 5.06 -7.95 24.70
N GLU A 19 4.04 -7.84 25.54
CA GLU A 19 3.13 -6.71 25.46
C GLU A 19 3.75 -5.38 25.89
N SER A 20 4.99 -5.40 26.40
CA SER A 20 5.77 -4.20 26.62
C SER A 20 6.79 -3.92 25.52
N GLU A 21 7.02 -4.84 24.59
CA GLU A 21 7.85 -4.60 23.42
C GLU A 21 7.03 -4.24 22.18
N LEU A 22 5.75 -3.95 22.33
CA LEU A 22 4.91 -3.80 21.15
C LEU A 22 5.24 -2.50 20.41
N PRO A 23 5.19 -2.52 19.09
CA PRO A 23 5.49 -1.30 18.32
C PRO A 23 4.39 -0.26 18.47
N ALA A 24 4.75 0.98 18.17
CA ALA A 24 3.78 2.06 18.22
C ALA A 24 2.69 1.84 17.17
N GLY A 25 1.47 2.24 17.52
CA GLY A 25 0.37 2.26 16.58
C GLY A 25 -0.62 1.14 16.72
N ILE A 26 -0.44 0.23 17.68
CA ILE A 26 -1.33 -0.93 17.77
C ILE A 26 -1.93 -1.12 19.15
N SER A 27 -1.78 -0.13 20.04
CA SER A 27 -2.56 -0.22 21.27
C SER A 27 -4.03 -0.02 20.94
N TYR A 28 -4.89 -0.46 21.87
CA TYR A 28 -6.31 -0.28 21.67
C TYR A 28 -6.65 1.20 21.47
N ALA A 29 -6.11 2.06 22.33
CA ALA A 29 -6.39 3.49 22.23
C ALA A 29 -5.96 4.04 20.87
N GLU A 30 -4.76 3.68 20.42
CA GLU A 30 -4.26 4.17 19.14
C GLU A 30 -5.17 3.72 18.00
N ALA A 31 -5.52 2.42 17.99
CA ALA A 31 -6.38 1.91 16.92
C ALA A 31 -7.74 2.61 16.91
N MET A 32 -8.29 2.93 18.08
CA MET A 32 -9.58 3.59 18.15
C MET A 32 -9.53 5.03 17.64
N GLU A 33 -8.34 5.63 17.57
CA GLU A 33 -8.19 6.94 16.95
C GLU A 33 -7.96 6.85 15.45
N GLY A 34 -7.80 5.65 14.91
CA GLY A 34 -7.50 5.51 13.49
C GLY A 34 -8.68 5.88 12.61
N GLY A 35 -8.36 6.37 11.42
CA GLY A 35 -9.34 6.67 10.41
C GLY A 35 -9.30 5.62 9.31
N SER A 36 -8.80 6.00 8.13
CA SER A 36 -8.70 5.11 6.97
C SER A 36 -7.26 4.87 6.51
N ARG A 37 -6.28 5.32 7.29
CA ARG A 37 -4.88 5.16 6.94
C ARG A 37 -4.18 4.33 8.01
N PRO A 38 -3.12 3.59 7.65
CA PRO A 38 -2.50 2.67 8.59
C PRO A 38 -1.76 3.39 9.70
N LEU A 39 -1.65 2.70 10.83
CA LEU A 39 -0.99 3.24 12.01
C LEU A 39 0.33 2.57 12.33
N LEU A 40 0.50 1.31 11.95
CA LEU A 40 1.73 0.60 12.32
C LEU A 40 2.86 0.89 11.35
N HIS A 41 2.57 0.96 10.05
CA HIS A 41 3.59 1.21 9.05
C HIS A 41 2.88 1.91 7.90
N PRO A 42 3.50 2.92 7.29
CA PRO A 42 2.77 3.73 6.30
C PRO A 42 2.36 2.99 5.05
N ASP A 43 2.97 1.85 4.74
CA ASP A 43 2.61 1.10 3.54
C ASP A 43 1.64 -0.03 3.81
N ASN A 44 1.10 -0.14 5.00
CA ASN A 44 0.12 -1.20 5.27
C ASN A 44 -1.20 -0.85 4.59
N PRO A 45 -1.81 -1.78 3.87
CA PRO A 45 -3.13 -1.50 3.28
C PRO A 45 -4.22 -1.43 4.34
N VAL A 46 -5.24 -0.64 4.04
CA VAL A 46 -6.45 -0.57 4.85
C VAL A 46 -7.61 -1.03 3.99
N VAL A 47 -8.37 -1.98 4.49
CA VAL A 47 -9.50 -2.57 3.78
C VAL A 47 -10.76 -2.37 4.62
N PHE A 48 -11.91 -2.74 4.07
CA PHE A 48 -13.16 -2.60 4.81
C PHE A 48 -14.12 -3.72 4.48
N PHE A 49 -15.00 -4.01 5.44
CA PHE A 49 -16.21 -4.80 5.27
C PHE A 49 -17.41 -3.93 5.62
N ASP A 50 -18.43 -3.93 4.77
CA ASP A 50 -19.76 -3.49 5.18
C ASP A 50 -20.55 -4.73 5.58
N ILE A 51 -21.14 -4.68 6.77
CA ILE A 51 -21.75 -5.84 7.39
C ILE A 51 -23.26 -5.69 7.39
N SER A 52 -23.96 -6.77 7.07
CA SER A 52 -25.39 -6.87 7.28
CA SER A 52 -25.40 -6.86 7.29
CA SER A 52 -25.39 -6.87 7.28
C SER A 52 -25.67 -7.95 8.32
N ILE A 53 -26.58 -7.67 9.22
CA ILE A 53 -27.05 -8.66 10.19
C ILE A 53 -28.48 -8.95 9.77
N GLY A 54 -28.72 -10.16 9.30
CA GLY A 54 -29.96 -10.40 8.58
C GLY A 54 -30.00 -9.50 7.36
N SER A 55 -31.10 -8.79 7.20
CA SER A 55 -31.26 -7.85 6.12
C SER A 55 -30.99 -6.41 6.53
N HIS A 56 -30.38 -6.17 7.69
CA HIS A 56 -30.18 -4.84 8.22
C HIS A 56 -28.71 -4.43 8.18
N GLU A 57 -28.44 -3.25 7.60
CA GLU A 57 -27.08 -2.73 7.55
C GLU A 57 -26.58 -2.44 8.97
N ALA A 58 -25.42 -2.99 9.33
CA ALA A 58 -24.89 -2.84 10.67
C ALA A 58 -23.72 -1.86 10.76
N GLY A 59 -23.13 -1.48 9.64
CA GLY A 59 -22.03 -0.55 9.62
C GLY A 59 -20.80 -1.15 8.97
N ARG A 60 -19.71 -0.44 9.09
CA ARG A 60 -18.46 -0.74 8.42
C ARG A 60 -17.37 -1.08 9.41
N ILE A 61 -16.61 -2.13 9.11
CA ILE A 61 -15.37 -2.45 9.82
C ILE A 61 -14.21 -2.11 8.90
N LYS A 62 -13.35 -1.19 9.33
CA LYS A 62 -12.12 -0.86 8.61
C LYS A 62 -10.98 -1.61 9.29
N ILE A 63 -10.04 -2.11 8.48
CA ILE A 63 -9.02 -3.03 8.97
C ILE A 63 -7.67 -2.64 8.38
N GLU A 64 -6.70 -2.36 9.23
CA GLU A 64 -5.31 -2.24 8.78
C GLU A 64 -4.70 -3.63 8.73
N LEU A 65 -4.09 -3.96 7.59
CA LEU A 65 -3.42 -5.26 7.41
C LEU A 65 -1.91 -5.03 7.57
N PHE A 66 -1.29 -5.80 8.47
CA PHE A 66 0.11 -5.59 8.86
C PHE A 66 1.06 -6.23 7.84
N LYS A 67 1.08 -5.65 6.64
CA LYS A 67 2.00 -6.08 5.59
C LYS A 67 3.46 -6.04 6.07
N ASN A 68 3.80 -5.10 6.94
CA ASN A 68 5.18 -4.98 7.40
C ASN A 68 5.62 -6.17 8.26
N LEU A 69 4.68 -6.84 8.92
CA LEU A 69 4.98 -7.97 9.80
C LEU A 69 4.56 -9.31 9.23
N ALA A 70 3.53 -9.35 8.39
CA ALA A 70 2.96 -10.60 7.89
C ALA A 70 2.52 -10.37 6.45
N PRO A 71 3.48 -10.19 5.54
CA PRO A 71 3.11 -9.75 4.18
C PRO A 71 2.25 -10.73 3.42
N LYS A 72 2.51 -12.03 3.55
CA LYS A 72 1.72 -13.00 2.79
C LYS A 72 0.30 -13.07 3.32
N SER A 73 0.15 -13.00 4.65
CA SER A 73 -1.19 -13.02 5.25
C SER A 73 -1.96 -11.76 4.89
N ALA A 74 -1.29 -10.60 4.92
CA ALA A 74 -1.96 -9.36 4.56
C ALA A 74 -2.42 -9.38 3.11
N GLU A 75 -1.56 -9.86 2.19
CA GLU A 75 -1.91 -9.76 0.78
C GLU A 75 -3.03 -10.73 0.41
N ASN A 76 -3.03 -11.91 1.03
CA ASN A 76 -4.12 -12.86 0.85
C ASN A 76 -5.45 -12.22 1.22
N PHE A 77 -5.53 -11.65 2.44
CA PHE A 77 -6.76 -11.00 2.89
C PHE A 77 -7.13 -9.84 1.99
N ARG A 78 -6.13 -9.03 1.61
CA ARG A 78 -6.40 -7.85 0.80
C ARG A 78 -7.04 -8.23 -0.53
N GLN A 79 -6.48 -9.24 -1.23
CA GLN A 79 -7.04 -9.64 -2.52
C GLN A 79 -8.46 -10.19 -2.36
N PHE A 80 -8.72 -10.92 -1.28
CA PHE A 80 -10.07 -11.41 -1.06
C PHE A 80 -11.06 -10.26 -0.79
N CYS A 81 -10.57 -9.11 -0.31
CA CYS A 81 -11.43 -7.94 -0.16
C CYS A 81 -11.70 -7.20 -1.46
N THR A 82 -10.74 -7.17 -2.38
CA THR A 82 -10.89 -6.32 -3.55
C THR A 82 -11.47 -7.03 -4.77
N GLY A 83 -11.54 -8.35 -4.76
CA GLY A 83 -11.96 -9.07 -5.96
C GLY A 83 -10.88 -9.32 -6.98
N GLU A 84 -9.61 -9.11 -6.61
CA GLU A 84 -8.49 -9.25 -7.53
C GLU A 84 -8.07 -10.69 -7.76
N PHE A 85 -8.46 -11.59 -6.90
CA PHE A 85 -8.05 -12.98 -7.05
C PHE A 85 -9.11 -13.75 -7.82
N ARG A 86 -8.68 -14.43 -8.88
CA ARG A 86 -9.57 -15.14 -9.77
C ARG A 86 -9.21 -16.62 -9.86
N GLN A 87 -10.25 -17.43 -10.14
CA GLN A 87 -10.10 -18.84 -10.53
C GLN A 87 -10.71 -18.96 -11.92
N ASN A 88 -9.88 -19.23 -12.92
CA ASN A 88 -10.35 -19.39 -14.29
C ASN A 88 -11.19 -18.18 -14.70
N GLN A 89 -10.71 -16.99 -14.34
CA GLN A 89 -11.30 -15.69 -14.66
C GLN A 89 -12.50 -15.34 -13.79
N VAL A 90 -12.81 -16.13 -12.77
CA VAL A 90 -13.94 -15.87 -11.88
C VAL A 90 -13.40 -15.35 -10.55
N PRO A 91 -13.65 -14.08 -10.20
CA PRO A 91 -13.22 -13.58 -8.88
C PRO A 91 -13.86 -14.35 -7.73
N ILE A 92 -13.11 -14.50 -6.66
CA ILE A 92 -13.63 -15.13 -5.45
C ILE A 92 -13.04 -14.40 -4.26
N GLY A 93 -13.83 -14.23 -3.20
CA GLY A 93 -13.34 -13.51 -2.03
C GLY A 93 -14.43 -13.32 -1.00
N TYR A 94 -14.29 -12.25 -0.21
CA TYR A 94 -15.13 -12.05 0.97
C TYR A 94 -16.49 -11.43 0.66
N LYS A 95 -16.73 -10.89 -0.54
CA LYS A 95 -18.06 -10.35 -0.82
C LYS A 95 -19.09 -11.47 -0.77
N GLY A 96 -20.05 -11.36 0.15
CA GLY A 96 -21.03 -12.39 0.36
C GLY A 96 -20.64 -13.42 1.38
N ALA A 97 -19.45 -13.35 1.95
CA ALA A 97 -19.06 -14.34 2.94
C ALA A 97 -19.70 -14.01 4.28
N THR A 98 -19.80 -15.02 5.12
CA THR A 98 -20.52 -14.92 6.37
C THR A 98 -19.59 -15.13 7.56
N PHE A 99 -20.10 -14.78 8.74
CA PHE A 99 -19.50 -15.18 10.02
C PHE A 99 -20.31 -16.36 10.52
N HIS A 100 -19.66 -17.53 10.56
CA HIS A 100 -20.34 -18.78 10.89
C HIS A 100 -20.12 -19.23 12.33
N ARG A 101 -19.21 -18.60 13.07
CA ARG A 101 -18.92 -19.06 14.44
C ARG A 101 -18.65 -17.82 15.29
N ILE A 102 -19.54 -17.58 16.26
CA ILE A 102 -19.53 -16.35 17.04
C ILE A 102 -19.57 -16.74 18.51
N ILE A 103 -18.54 -16.38 19.26
CA ILE A 103 -18.40 -16.78 20.66
C ILE A 103 -18.20 -15.52 21.49
N LYS A 104 -19.26 -15.11 22.17
CA LYS A 104 -19.25 -13.91 22.97
C LYS A 104 -18.11 -13.97 23.99
N ASN A 105 -17.44 -12.84 24.16
CA ASN A 105 -16.29 -12.69 25.05
C ASN A 105 -15.06 -13.43 24.56
N PHE A 106 -15.06 -13.93 23.33
CA PHE A 106 -13.90 -14.62 22.79
C PHE A 106 -13.53 -14.03 21.43
N MET A 107 -14.27 -14.38 20.37
CA MET A 107 -13.93 -13.90 19.04
C MET A 107 -15.12 -14.13 18.12
N ILE A 108 -15.04 -13.50 16.95
CA ILE A 108 -15.97 -13.77 15.86
C ILE A 108 -15.18 -14.30 14.67
N GLN A 109 -15.66 -15.38 14.06
CA GLN A 109 -14.93 -16.10 13.03
C GLN A 109 -15.73 -16.13 11.74
N GLY A 110 -15.05 -15.87 10.63
CA GLY A 110 -15.73 -15.88 9.35
C GLY A 110 -14.78 -16.04 8.18
N GLY A 111 -15.29 -15.72 7.00
CA GLY A 111 -14.47 -15.79 5.80
C GLY A 111 -14.45 -17.11 5.06
N ASP A 112 -15.28 -18.08 5.45
CA ASP A 112 -15.37 -19.32 4.69
C ASP A 112 -16.29 -19.10 3.49
N PHE A 113 -15.72 -18.51 2.45
CA PHE A 113 -16.46 -18.33 1.21
C PHE A 113 -16.55 -19.62 0.39
N VAL A 114 -15.80 -20.65 0.78
CA VAL A 114 -15.82 -21.91 0.04
C VAL A 114 -17.08 -22.68 0.37
N LYS A 115 -17.34 -22.89 1.66
CA LYS A 115 -18.46 -23.73 2.10
C LYS A 115 -19.40 -23.04 3.07
N GLY A 116 -19.00 -21.93 3.69
CA GLY A 116 -19.90 -21.25 4.60
C GLY A 116 -20.08 -21.92 5.93
N ASP A 117 -19.29 -22.93 6.27
CA ASP A 117 -19.54 -23.68 7.49
C ASP A 117 -18.31 -23.87 8.36
N GLY A 118 -17.16 -23.35 7.96
CA GLY A 118 -15.93 -23.53 8.70
C GLY A 118 -15.01 -24.60 8.14
N THR A 119 -15.45 -25.39 7.16
CA THR A 119 -14.57 -26.40 6.57
C THR A 119 -13.73 -25.86 5.42
N GLY A 120 -14.04 -24.67 4.90
CA GLY A 120 -13.43 -24.20 3.67
C GLY A 120 -12.02 -23.68 3.86
N ARG A 121 -11.15 -23.98 2.89
CA ARG A 121 -9.78 -23.50 2.90
C ARG A 121 -9.35 -23.25 1.47
N LEU A 122 -9.04 -21.99 1.16
CA LEU A 122 -8.47 -21.61 -0.12
C LEU A 122 -7.72 -20.33 0.13
N SER A 123 -6.53 -20.19 -0.47
CA SER A 123 -5.76 -18.97 -0.35
C SER A 123 -5.38 -18.51 -1.75
N ILE A 124 -4.85 -17.29 -1.86
CA ILE A 124 -4.38 -16.82 -3.16
C ILE A 124 -3.11 -17.53 -3.61
N TYR A 125 -2.47 -18.26 -2.72
CA TYR A 125 -1.22 -18.96 -3.03
C TYR A 125 -1.43 -20.42 -3.38
N GLY A 126 -2.64 -20.92 -3.26
CA GLY A 126 -2.91 -22.32 -3.46
C GLY A 126 -3.89 -22.77 -2.42
N SER A 127 -3.94 -24.09 -2.20
CA SER A 127 -4.90 -24.63 -1.25
C SER A 127 -4.67 -24.11 0.16
N SER A 128 -3.43 -23.80 0.51
CA SER A 128 -3.09 -23.30 1.85
C SER A 128 -1.76 -22.58 1.76
N PHE A 129 -1.43 -21.85 2.82
CA PHE A 129 -0.12 -21.23 2.91
C PHE A 129 0.46 -21.36 4.31
N PRO A 130 1.79 -21.38 4.43
CA PRO A 130 2.41 -21.64 5.73
C PRO A 130 2.22 -20.48 6.70
N ASP A 131 2.43 -20.78 7.97
CA ASP A 131 2.46 -19.73 8.99
C ASP A 131 3.67 -18.83 8.78
N GLU A 132 3.42 -17.53 8.70
CA GLU A 132 4.51 -16.55 8.80
C GLU A 132 4.99 -16.48 10.24
N ALA A 133 5.98 -15.64 10.49
CA ALA A 133 6.51 -15.49 11.84
C ALA A 133 5.40 -15.04 12.78
N PHE A 134 5.40 -15.61 13.99
CA PHE A 134 4.43 -15.21 15.02
C PHE A 134 5.03 -14.05 15.80
N VAL A 135 4.86 -12.85 15.25
CA VAL A 135 5.44 -11.65 15.88
C VAL A 135 4.52 -11.09 16.95
N LEU A 136 3.23 -10.90 16.63
CA LEU A 136 2.33 -10.23 17.56
C LEU A 136 1.53 -11.23 18.37
N PRO A 137 1.32 -10.94 19.65
CA PRO A 137 0.44 -11.74 20.50
C PRO A 137 -1.01 -11.33 20.34
N HIS A 138 -1.91 -12.22 20.78
CA HIS A 138 -3.35 -11.96 20.78
C HIS A 138 -3.73 -11.16 22.03
N PHE A 139 -3.20 -9.94 22.13
CA PHE A 139 -3.12 -9.29 23.44
C PHE A 139 -4.36 -8.48 23.80
N ARG A 140 -5.31 -8.30 22.90
CA ARG A 140 -6.46 -7.44 23.15
C ARG A 140 -7.55 -7.74 22.13
N SER A 141 -8.74 -7.20 22.40
CA SER A 141 -9.83 -7.18 21.44
CA SER A 141 -9.81 -7.23 21.42
C SER A 141 -9.45 -6.34 20.23
N GLY A 142 -10.07 -6.65 19.09
CA GLY A 142 -9.93 -5.85 17.89
C GLY A 142 -8.80 -6.23 16.97
N LEU A 143 -8.19 -7.39 17.18
CA LEU A 143 -7.12 -7.87 16.32
C LEU A 143 -7.65 -8.88 15.31
N LEU A 144 -7.04 -8.89 14.14
CA LEU A 144 -7.34 -9.84 13.08
CA LEU A 144 -7.34 -9.84 13.07
C LEU A 144 -6.29 -10.93 13.09
N SER A 145 -6.74 -12.19 13.08
CA SER A 145 -5.83 -13.32 13.14
C SER A 145 -6.32 -14.45 12.24
N LEU A 146 -5.39 -15.31 11.83
CA LEU A 146 -5.73 -16.39 10.89
C LEU A 146 -6.32 -17.58 11.64
N ALA A 147 -7.49 -18.04 11.20
CA ALA A 147 -7.97 -19.35 11.61
C ALA A 147 -7.22 -20.41 10.81
N ASN A 148 -7.10 -21.62 11.35
CA ASN A 148 -6.39 -22.67 10.63
C ASN A 148 -6.83 -24.01 11.18
N SER A 149 -6.19 -25.08 10.72
CA SER A 149 -6.40 -26.42 11.27
C SER A 149 -5.07 -27.06 11.61
N GLY A 150 -4.24 -26.32 12.35
CA GLY A 150 -2.94 -26.79 12.73
C GLY A 150 -1.86 -26.09 11.93
N PRO A 151 -0.61 -26.54 12.07
CA PRO A 151 0.50 -25.82 11.44
C PRO A 151 0.39 -25.73 9.92
N ASP A 152 0.64 -24.53 9.40
CA ASP A 152 0.80 -24.31 7.96
C ASP A 152 -0.45 -24.68 7.17
N THR A 153 -1.63 -24.29 7.68
CA THR A 153 -2.90 -24.58 7.02
C THR A 153 -3.76 -23.33 6.90
N ASN A 154 -3.14 -22.18 6.72
CA ASN A 154 -3.91 -20.96 6.52
C ASN A 154 -4.57 -20.97 5.15
N GLY A 155 -5.76 -20.39 5.08
CA GLY A 155 -6.50 -20.35 3.84
C GLY A 155 -7.19 -19.03 3.65
N CYS A 156 -8.50 -19.02 3.92
CA CYS A 156 -9.32 -17.82 3.79
C CYS A 156 -9.99 -17.38 5.09
N GLN A 157 -10.15 -18.28 6.06
CA GLN A 157 -10.88 -17.90 7.26
C GLN A 157 -10.01 -17.05 8.18
N PHE A 158 -10.68 -16.25 9.02
CA PHE A 158 -10.03 -15.33 9.94
C PHE A 158 -10.92 -15.21 11.18
N PHE A 159 -10.37 -14.61 12.22
CA PHE A 159 -11.18 -14.20 13.35
C PHE A 159 -10.79 -12.79 13.77
N ILE A 160 -11.76 -12.10 14.36
CA ILE A 160 -11.50 -10.81 15.02
C ILE A 160 -11.67 -11.03 16.51
N THR A 161 -10.61 -10.73 17.27
CA THR A 161 -10.67 -10.97 18.70
C THR A 161 -11.68 -10.07 19.40
N CYS A 162 -12.39 -10.65 20.37
CA CYS A 162 -13.32 -9.90 21.20
C CYS A 162 -12.85 -9.81 22.64
N ALA A 163 -11.64 -10.30 22.92
CA ALA A 163 -10.97 -10.23 24.21
C ALA A 163 -9.54 -10.68 23.95
N LYS A 164 -8.66 -10.47 24.92
CA LYS A 164 -7.33 -11.07 24.79
C LYS A 164 -7.48 -12.59 24.78
N CYS A 165 -6.60 -13.24 24.04
CA CYS A 165 -6.63 -14.70 23.89
C CYS A 165 -5.21 -15.21 23.62
N ASP A 166 -4.30 -14.94 24.56
CA ASP A 166 -2.89 -15.23 24.36
C ASP A 166 -2.59 -16.72 24.29
N TRP A 167 -3.53 -17.57 24.70
CA TRP A 167 -3.33 -19.01 24.53
C TRP A 167 -3.21 -19.40 23.06
N LEU A 168 -3.64 -18.53 22.15
CA LEU A 168 -3.54 -18.75 20.71
C LEU A 168 -2.20 -18.32 20.15
N ASN A 169 -1.34 -17.67 20.95
CA ASN A 169 -0.05 -17.19 20.46
C ASN A 169 0.80 -18.33 19.92
N ARG A 170 1.54 -18.06 18.85
CA ARG A 170 2.46 -19.00 18.22
C ARG A 170 1.74 -20.15 17.51
N LYS A 171 0.40 -20.10 17.42
CA LYS A 171 -0.39 -21.03 16.62
C LYS A 171 -1.24 -20.34 15.57
N HIS A 172 -1.48 -19.04 15.71
CA HIS A 172 -2.24 -18.23 14.77
C HIS A 172 -1.50 -16.92 14.56
N VAL A 173 -1.39 -16.51 13.29
CA VAL A 173 -0.69 -15.28 12.96
C VAL A 173 -1.66 -14.11 13.09
N VAL A 174 -1.34 -13.18 13.98
CA VAL A 174 -2.04 -11.91 14.11
C VAL A 174 -1.53 -10.99 13.01
N PHE A 175 -2.42 -10.57 12.11
CA PHE A 175 -1.98 -9.86 10.92
C PHE A 175 -2.73 -8.55 10.64
N GLY A 176 -3.53 -8.06 11.59
CA GLY A 176 -4.19 -6.80 11.33
C GLY A 176 -4.92 -6.30 12.56
N GLN A 177 -5.51 -5.12 12.43
CA GLN A 177 -6.27 -4.53 13.53
C GLN A 177 -7.42 -3.73 12.95
N VAL A 178 -8.56 -3.71 13.64
CA VAL A 178 -9.66 -2.86 13.22
C VAL A 178 -9.34 -1.42 13.60
N LEU A 179 -9.83 -0.47 12.79
CA LEU A 179 -9.52 0.94 12.99
C LEU A 179 -10.77 1.75 13.32
N GLY A 180 -10.72 2.52 14.39
CA GLY A 180 -11.78 3.45 14.68
C GLY A 180 -12.88 2.82 15.52
N LYS A 181 -13.65 3.70 16.19
CA LYS A 181 -14.65 3.24 17.15
C LYS A 181 -15.82 2.55 16.47
N GLU A 182 -16.27 3.05 15.30
CA GLU A 182 -17.39 2.37 14.64
C GLU A 182 -17.05 0.93 14.33
N SER A 183 -15.80 0.68 13.88
CA SER A 183 -15.39 -0.69 13.57
C SER A 183 -15.60 -1.61 14.76
N MET A 184 -15.17 -1.17 15.96
CA MET A 184 -15.33 -2.00 17.12
C MET A 184 -16.78 -2.11 17.54
N GLN A 185 -17.58 -1.06 17.33
CA GLN A 185 -19.00 -1.18 17.61
C GLN A 185 -19.64 -2.27 16.76
N VAL A 186 -19.26 -2.35 15.48
CA VAL A 186 -19.81 -3.40 14.62
C VAL A 186 -19.37 -4.77 15.11
N VAL A 187 -18.09 -4.91 15.45
CA VAL A 187 -17.59 -6.17 16.01
C VAL A 187 -18.42 -6.58 17.22
N ARG A 188 -18.67 -5.62 18.13
CA ARG A 188 -19.45 -5.95 19.32
C ARG A 188 -20.89 -6.33 18.98
N LYS A 189 -21.47 -5.67 17.97
CA LYS A 189 -22.82 -6.05 17.55
C LYS A 189 -22.86 -7.49 17.04
N ILE A 190 -21.92 -7.85 16.16
CA ILE A 190 -21.85 -9.22 15.67
C ILE A 190 -21.64 -10.20 16.83
N GLU A 191 -20.75 -9.84 17.76
CA GLU A 191 -20.39 -10.71 18.86
C GLU A 191 -21.60 -11.08 19.70
N HIS A 192 -22.62 -10.22 19.74
CA HIS A 192 -23.73 -10.39 20.68
C HIS A 192 -25.01 -10.88 20.03
N VAL A 193 -24.96 -11.28 18.76
CA VAL A 193 -26.16 -11.86 18.15
C VAL A 193 -26.43 -13.24 18.76
N THR A 194 -27.69 -13.64 18.71
CA THR A 194 -28.06 -14.94 19.26
C THR A 194 -27.46 -16.07 18.41
N VAL A 195 -26.91 -17.07 19.08
CA VAL A 195 -26.30 -18.23 18.41
C VAL A 195 -26.94 -19.50 18.90
N ASP A 196 -26.75 -20.57 18.14
CA ASP A 196 -27.22 -21.89 18.53
C ASP A 196 -26.16 -22.60 19.37
N GLY A 197 -26.41 -23.87 19.71
CA GLY A 197 -25.49 -24.62 20.55
C GLY A 197 -24.12 -24.86 19.94
N GLY A 198 -24.01 -24.73 18.62
CA GLY A 198 -22.75 -24.80 17.92
C GLY A 198 -22.12 -23.46 17.65
N ASN A 199 -22.67 -22.38 18.22
CA ASN A 199 -22.16 -21.02 18.07
C ASN A 199 -22.36 -20.46 16.66
N ARG A 200 -23.29 -21.04 15.87
CA ARG A 200 -23.67 -20.46 14.60
C ARG A 200 -24.76 -19.41 14.82
N PRO A 201 -24.68 -18.23 14.22
CA PRO A 201 -25.74 -17.25 14.43
C PRO A 201 -27.08 -17.73 13.91
N ARG A 202 -28.14 -17.39 14.63
CA ARG A 202 -29.49 -17.78 14.20
C ARG A 202 -29.90 -16.97 12.98
N ILE A 203 -29.41 -15.74 12.87
CA ILE A 203 -29.68 -14.85 11.76
C ILE A 203 -28.35 -14.57 11.09
N PRO A 204 -28.24 -14.61 9.76
CA PRO A 204 -26.92 -14.54 9.12
C PRO A 204 -26.22 -13.21 9.32
N VAL A 205 -24.90 -13.27 9.36
CA VAL A 205 -24.05 -12.09 9.46
C VAL A 205 -23.13 -12.12 8.25
N THR A 206 -23.27 -11.15 7.36
CA THR A 206 -22.70 -11.24 6.03
C THR A 206 -21.89 -9.99 5.70
N VAL A 207 -20.76 -10.19 5.03
CA VAL A 207 -20.00 -9.11 4.38
C VAL A 207 -20.72 -8.80 3.08
N THR A 208 -21.48 -7.70 3.00
CA THR A 208 -22.19 -7.40 1.77
C THR A 208 -21.36 -6.64 0.78
N GLN A 209 -20.34 -5.91 1.24
CA GLN A 209 -19.43 -5.20 0.36
C GLN A 209 -18.07 -5.17 1.05
N CYS A 210 -17.01 -5.14 0.25
CA CYS A 210 -15.66 -5.07 0.82
C CYS A 210 -14.72 -4.49 -0.24
N GLY A 211 -13.58 -3.98 0.20
CA GLY A 211 -12.66 -3.34 -0.70
C GLY A 211 -11.50 -2.73 0.06
N GLU A 212 -10.72 -1.93 -0.67
CA GLU A 212 -9.54 -1.27 -0.14
C GLU A 212 -9.75 0.24 -0.12
N LEU A 213 -9.27 0.89 0.94
CA LEU A 213 -9.41 2.33 1.11
C LEU A 213 -8.15 3.07 0.69
N SER B 15 4.42 -4.42 -25.42
CA SER B 15 4.15 -4.03 -24.03
C SER B 15 3.79 -2.54 -23.91
N LEU B 16 4.36 -1.71 -24.78
CA LEU B 16 4.11 -0.28 -24.70
C LEU B 16 2.70 0.02 -25.21
N LEU B 17 1.88 0.60 -24.35
CA LEU B 17 0.50 0.91 -24.71
C LEU B 17 0.45 2.15 -25.58
N SER B 18 -0.39 2.10 -26.61
CA SER B 18 -0.64 3.31 -27.37
C SER B 18 -1.51 4.25 -26.53
N GLU B 19 -1.50 5.52 -26.93
CA GLU B 19 -2.16 6.57 -26.16
C GLU B 19 -3.67 6.50 -26.27
N SER B 20 -4.21 5.62 -27.11
CA SER B 20 -5.64 5.29 -27.12
C SER B 20 -5.98 4.04 -26.32
N GLU B 21 -4.97 3.28 -25.86
CA GLU B 21 -5.16 2.06 -25.10
C GLU B 21 -4.87 2.23 -23.61
N LEU B 22 -4.78 3.46 -23.12
CA LEU B 22 -4.32 3.68 -21.75
C LEU B 22 -5.39 3.26 -20.74
N PRO B 23 -4.97 2.77 -19.57
CA PRO B 23 -5.94 2.36 -18.55
C PRO B 23 -6.61 3.58 -17.92
N ALA B 24 -7.77 3.33 -17.33
CA ALA B 24 -8.48 4.40 -16.66
C ALA B 24 -7.68 4.92 -15.46
N GLY B 25 -7.78 6.22 -15.22
CA GLY B 25 -7.17 6.83 -14.07
C GLY B 25 -5.89 7.58 -14.31
N ILE B 26 -5.41 7.64 -15.55
CA ILE B 26 -4.11 8.26 -15.79
C ILE B 26 -4.13 9.36 -16.83
N SER B 27 -5.32 9.75 -17.31
CA SER B 27 -5.35 10.95 -18.15
C SER B 27 -5.00 12.17 -17.30
N TYR B 28 -4.57 13.25 -17.97
CA TYR B 28 -4.28 14.48 -17.24
C TYR B 28 -5.49 14.93 -16.43
N ALA B 29 -6.67 14.90 -17.05
CA ALA B 29 -7.87 15.37 -16.36
C ALA B 29 -8.17 14.50 -15.14
N GLU B 30 -7.99 13.20 -15.26
CA GLU B 30 -8.25 12.31 -14.13
C GLU B 30 -7.25 12.55 -13.00
N ALA B 31 -5.96 12.64 -13.33
CA ALA B 31 -4.95 12.87 -12.31
C ALA B 31 -5.18 14.19 -11.60
N MET B 32 -5.69 15.19 -12.31
CA MET B 32 -5.87 16.50 -11.71
C MET B 32 -7.07 16.53 -10.78
N GLU B 33 -7.95 15.54 -10.85
CA GLU B 33 -9.02 15.36 -9.88
C GLU B 33 -8.60 14.48 -8.71
N GLY B 34 -7.38 13.95 -8.74
CA GLY B 34 -6.94 13.06 -7.69
C GLY B 34 -6.69 13.79 -6.39
N GLY B 35 -6.93 13.09 -5.28
CA GLY B 35 -6.65 13.57 -3.95
C GLY B 35 -5.39 12.94 -3.37
N SER B 36 -5.56 12.10 -2.34
CA SER B 36 -4.43 11.42 -1.71
C SER B 36 -4.51 9.90 -1.82
N ARG B 37 -5.45 9.38 -2.62
CA ARG B 37 -5.60 7.96 -2.83
C ARG B 37 -5.35 7.63 -4.30
N PRO B 38 -4.88 6.42 -4.61
CA PRO B 38 -4.45 6.13 -5.98
C PRO B 38 -5.63 6.03 -6.92
N LEU B 39 -5.37 6.32 -8.20
CA LEU B 39 -6.38 6.25 -9.25
C LEU B 39 -6.26 5.03 -10.16
N LEU B 40 -5.06 4.53 -10.38
CA LEU B 40 -4.88 3.44 -11.35
C LEU B 40 -5.18 2.06 -10.75
N HIS B 41 -4.83 1.83 -9.48
CA HIS B 41 -5.05 0.56 -8.84
C HIS B 41 -5.15 0.86 -7.35
N PRO B 42 -6.09 0.22 -6.63
CA PRO B 42 -6.33 0.63 -5.24
C PRO B 42 -5.17 0.38 -4.31
N ASP B 43 -4.23 -0.50 -4.65
CA ASP B 43 -3.11 -0.79 -3.78
C ASP B 43 -1.87 -0.01 -4.15
N ASN B 44 -1.97 0.93 -5.08
CA ASN B 44 -0.80 1.75 -5.40
C ASN B 44 -0.50 2.71 -4.26
N PRO B 45 0.75 2.84 -3.84
CA PRO B 45 1.07 3.84 -2.80
C PRO B 45 0.99 5.26 -3.35
N VAL B 46 0.65 6.19 -2.46
CA VAL B 46 0.72 7.62 -2.76
C VAL B 46 1.74 8.24 -1.81
N VAL B 47 2.69 8.97 -2.37
CA VAL B 47 3.75 9.61 -1.61
C VAL B 47 3.70 11.12 -1.84
N PHE B 48 4.53 11.86 -1.09
CA PHE B 48 4.53 13.31 -1.23
C PHE B 48 5.94 13.86 -1.08
N PHE B 49 6.17 14.99 -1.73
CA PHE B 49 7.30 15.88 -1.49
C PHE B 49 6.79 17.26 -1.09
N ASP B 50 7.30 17.81 0.01
CA ASP B 50 7.19 19.25 0.24
C ASP B 50 8.41 19.91 -0.37
N ILE B 51 8.18 20.96 -1.16
CA ILE B 51 9.22 21.58 -1.97
C ILE B 51 9.48 23.00 -1.49
N SER B 52 10.76 23.36 -1.39
CA SER B 52 11.17 24.74 -1.16
CA SER B 52 11.17 24.74 -1.17
C SER B 52 12.05 25.17 -2.32
N ILE B 53 11.80 26.39 -2.82
CA ILE B 53 12.57 26.99 -3.90
C ILE B 53 13.34 28.13 -3.25
N GLY B 54 14.63 27.91 -3.04
CA GLY B 54 15.31 28.69 -2.02
C GLY B 54 14.67 28.39 -0.68
N SER B 55 14.32 29.45 0.05
CA SER B 55 13.57 29.33 1.28
C SER B 55 12.07 29.52 1.09
N HIS B 56 11.64 29.90 -0.11
CA HIS B 56 10.22 30.07 -0.40
C HIS B 56 9.55 28.70 -0.47
N GLU B 57 8.45 28.53 0.26
CA GLU B 57 7.74 27.26 0.22
C GLU B 57 6.85 27.24 -1.01
N ALA B 58 7.16 26.34 -1.94
CA ALA B 58 6.46 26.30 -3.20
C ALA B 58 5.19 25.46 -3.16
N GLY B 59 5.08 24.55 -2.21
CA GLY B 59 3.93 23.67 -2.10
C GLY B 59 4.32 22.20 -2.14
N ARG B 60 3.31 21.35 -2.15
CA ARG B 60 3.45 19.91 -2.06
C ARG B 60 3.13 19.23 -3.38
N ILE B 61 3.95 18.23 -3.75
CA ILE B 61 3.68 17.33 -4.87
C ILE B 61 3.26 15.99 -4.29
N LYS B 62 2.05 15.55 -4.64
CA LYS B 62 1.60 14.19 -4.31
C LYS B 62 1.77 13.31 -5.53
N ILE B 63 2.19 12.06 -5.33
CA ILE B 63 2.56 11.18 -6.43
C ILE B 63 2.00 9.78 -6.18
N GLU B 64 1.19 9.30 -7.12
CA GLU B 64 0.81 7.90 -7.14
C GLU B 64 1.91 7.09 -7.81
N LEU B 65 2.34 6.01 -7.16
CA LEU B 65 3.36 5.12 -7.70
C LEU B 65 2.68 3.87 -8.24
N PHE B 66 2.95 3.55 -9.49
CA PHE B 66 2.23 2.48 -10.19
C PHE B 66 2.84 1.11 -9.86
N LYS B 67 2.68 0.72 -8.60
CA LYS B 67 3.05 -0.62 -8.17
C LYS B 67 2.46 -1.69 -9.06
N ASN B 68 1.25 -1.48 -9.57
CA ASN B 68 0.60 -2.51 -10.38
C ASN B 68 1.30 -2.73 -11.72
N LEU B 69 2.05 -1.75 -12.20
CA LEU B 69 2.73 -1.83 -13.49
C LEU B 69 4.25 -1.91 -13.37
N ALA B 70 4.82 -1.35 -12.30
CA ALA B 70 6.27 -1.28 -12.14
C ALA B 70 6.59 -1.43 -10.66
N PRO B 71 6.41 -2.63 -10.11
CA PRO B 71 6.51 -2.75 -8.64
C PRO B 71 7.90 -2.49 -8.10
N LYS B 72 8.96 -2.93 -8.78
CA LYS B 72 10.31 -2.70 -8.27
C LYS B 72 10.63 -1.21 -8.26
N SER B 73 10.24 -0.50 -9.32
CA SER B 73 10.51 0.93 -9.40
C SER B 73 9.70 1.70 -8.37
N ALA B 74 8.43 1.31 -8.21
CA ALA B 74 7.58 1.96 -7.21
C ALA B 74 8.12 1.77 -5.81
N GLU B 75 8.55 0.55 -5.47
CA GLU B 75 8.97 0.28 -4.10
C GLU B 75 10.28 0.99 -3.76
N ASN B 76 11.20 1.04 -4.73
CA ASN B 76 12.46 1.78 -4.56
C ASN B 76 12.18 3.24 -4.24
N PHE B 77 11.36 3.89 -5.07
CA PHE B 77 11.00 5.29 -4.85
C PHE B 77 10.28 5.46 -3.52
N ARG B 78 9.36 4.55 -3.21
CA ARG B 78 8.59 4.66 -1.96
C ARG B 78 9.51 4.65 -0.74
N GLN B 79 10.45 3.70 -0.69
CA GLN B 79 11.36 3.64 0.46
C GLN B 79 12.22 4.90 0.56
N PHE B 80 12.65 5.45 -0.57
CA PHE B 80 13.42 6.69 -0.51
C PHE B 80 12.57 7.86 -0.01
N CYS B 81 11.24 7.80 -0.16
CA CYS B 81 10.37 8.83 0.38
C CYS B 81 10.18 8.70 1.89
N THR B 82 10.17 7.49 2.43
CA THR B 82 9.84 7.31 3.84
C THR B 82 11.06 7.26 4.75
N GLY B 83 12.27 7.09 4.20
CA GLY B 83 13.44 6.89 5.02
C GLY B 83 13.60 5.50 5.55
N GLU B 84 12.95 4.51 4.92
CA GLU B 84 12.99 3.13 5.42
C GLU B 84 14.29 2.43 5.08
N PHE B 85 14.96 2.82 4.00
CA PHE B 85 16.20 2.18 3.59
C PHE B 85 17.39 2.84 4.28
N ARG B 86 18.27 2.02 4.83
CA ARG B 86 19.41 2.51 5.58
C ARG B 86 20.72 2.07 4.93
N GLN B 87 21.70 2.95 4.97
CA GLN B 87 23.07 2.66 4.56
C GLN B 87 23.97 3.35 5.58
N ASN B 88 25.00 2.64 6.03
CA ASN B 88 25.86 3.16 7.10
C ASN B 88 25.04 3.49 8.34
N GLN B 89 24.02 2.67 8.61
CA GLN B 89 23.13 2.78 9.77
C GLN B 89 22.33 4.08 9.79
N VAL B 90 22.21 4.78 8.67
CA VAL B 90 21.55 6.08 8.64
C VAL B 90 20.47 6.06 7.57
N PRO B 91 19.32 6.71 7.77
CA PRO B 91 18.33 6.80 6.69
C PRO B 91 18.92 7.53 5.48
N ILE B 92 18.66 6.97 4.30
CA ILE B 92 19.06 7.57 3.03
C ILE B 92 17.85 7.64 2.12
N GLY B 93 17.71 8.74 1.39
CA GLY B 93 16.56 8.91 0.54
C GLY B 93 16.39 10.35 0.11
N TYR B 94 15.15 10.72 -0.21
CA TYR B 94 14.86 11.99 -0.88
C TYR B 94 14.72 13.17 0.06
N LYS B 95 14.65 12.95 1.37
CA LYS B 95 14.62 14.08 2.30
C LYS B 95 15.92 14.86 2.16
N GLY B 96 15.81 16.13 1.79
CA GLY B 96 16.98 16.96 1.55
C GLY B 96 17.53 16.86 0.14
N ALA B 97 16.99 15.97 -0.70
CA ALA B 97 17.45 15.87 -2.07
C ALA B 97 16.90 17.03 -2.90
N THR B 98 17.46 17.19 -4.10
CA THR B 98 17.18 18.35 -4.92
C THR B 98 16.76 17.94 -6.33
N PHE B 99 16.22 18.92 -7.06
CA PHE B 99 16.06 18.84 -8.50
C PHE B 99 17.25 19.58 -9.11
N HIS B 100 18.21 18.83 -9.64
CA HIS B 100 19.48 19.39 -10.09
C HIS B 100 19.50 19.73 -11.57
N ARG B 101 18.52 19.29 -12.34
CA ARG B 101 18.57 19.51 -13.79
C ARG B 101 17.15 19.82 -14.23
N ILE B 102 16.94 21.05 -14.69
CA ILE B 102 15.62 21.60 -14.96
C ILE B 102 15.63 22.18 -16.36
N ILE B 103 14.76 21.65 -17.22
CA ILE B 103 14.71 22.09 -18.62
C ILE B 103 13.28 22.48 -18.94
N LYS B 104 13.05 23.79 -19.01
CA LYS B 104 11.72 24.33 -19.24
C LYS B 104 11.14 23.73 -20.53
N ASN B 105 9.86 23.38 -20.47
CA ASN B 105 9.11 22.79 -21.57
C ASN B 105 9.53 21.35 -21.85
N PHE B 106 10.30 20.72 -20.98
CA PHE B 106 10.73 19.34 -21.14
C PHE B 106 10.47 18.54 -19.86
N MET B 107 11.28 18.72 -18.81
CA MET B 107 11.13 17.93 -17.60
C MET B 107 11.95 18.55 -16.49
N ILE B 108 11.68 18.10 -15.27
CA ILE B 108 12.49 18.42 -14.10
C ILE B 108 13.06 17.12 -13.55
N GLN B 109 14.36 17.09 -13.31
CA GLN B 109 15.07 15.88 -12.92
C GLN B 109 15.68 16.06 -11.53
N GLY B 110 15.56 15.03 -10.70
CA GLY B 110 16.10 15.13 -9.36
C GLY B 110 16.34 13.79 -8.73
N GLY B 111 16.53 13.82 -7.41
CA GLY B 111 16.69 12.61 -6.65
C GLY B 111 18.09 12.08 -6.52
N ASP B 112 19.11 12.83 -6.95
CA ASP B 112 20.49 12.42 -6.73
C ASP B 112 20.91 12.79 -5.32
N PHE B 113 20.50 11.95 -4.35
CA PHE B 113 20.91 12.18 -2.97
C PHE B 113 22.35 11.74 -2.70
N VAL B 114 22.99 11.05 -3.65
CA VAL B 114 24.35 10.60 -3.45
C VAL B 114 25.35 11.72 -3.74
N LYS B 115 25.17 12.41 -4.87
CA LYS B 115 26.12 13.43 -5.31
C LYS B 115 25.51 14.80 -5.57
N GLY B 116 24.19 14.89 -5.73
CA GLY B 116 23.55 16.17 -5.94
C GLY B 116 23.73 16.80 -7.31
N ASP B 117 24.31 16.09 -8.28
CA ASP B 117 24.62 16.72 -9.55
C ASP B 117 24.29 15.87 -10.77
N GLY B 118 23.66 14.70 -10.59
CA GLY B 118 23.34 13.84 -11.70
C GLY B 118 24.24 12.64 -11.85
N THR B 119 25.39 12.62 -11.18
CA THR B 119 26.28 11.48 -11.31
C THR B 119 25.98 10.35 -10.33
N GLY B 120 25.10 10.56 -9.36
CA GLY B 120 24.92 9.59 -8.29
C GLY B 120 23.90 8.51 -8.63
N ARG B 121 24.16 7.30 -8.15
CA ARG B 121 23.25 6.19 -8.39
C ARG B 121 23.31 5.21 -7.22
N LEU B 122 22.13 4.90 -6.67
CA LEU B 122 22.00 3.90 -5.62
C LEU B 122 20.53 3.51 -5.59
N SER B 123 20.25 2.24 -5.32
CA SER B 123 18.88 1.77 -5.20
C SER B 123 18.77 0.88 -3.96
N ILE B 124 17.53 0.52 -3.61
CA ILE B 124 17.34 -0.41 -2.51
C ILE B 124 17.74 -1.84 -2.86
N TYR B 125 18.09 -2.10 -4.12
CA TYR B 125 18.44 -3.43 -4.59
C TYR B 125 19.93 -3.60 -4.82
N GLY B 126 20.72 -2.54 -4.67
CA GLY B 126 22.12 -2.54 -5.01
C GLY B 126 22.48 -1.26 -5.73
N SER B 127 23.64 -1.27 -6.40
CA SER B 127 24.09 -0.08 -7.09
C SER B 127 23.11 0.35 -8.19
N SER B 128 22.47 -0.62 -8.84
CA SER B 128 21.52 -0.33 -9.91
C SER B 128 20.47 -1.42 -9.93
N PHE B 129 19.39 -1.19 -10.69
CA PHE B 129 18.40 -2.23 -10.91
C PHE B 129 17.88 -2.21 -12.34
N PRO B 130 17.43 -3.35 -12.86
CA PRO B 130 17.06 -3.41 -14.28
C PRO B 130 15.78 -2.67 -14.60
N ASP B 131 15.62 -2.37 -15.88
CA ASP B 131 14.37 -1.82 -16.39
C ASP B 131 13.25 -2.84 -16.26
N GLU B 132 12.14 -2.42 -15.67
CA GLU B 132 10.92 -3.21 -15.73
C GLU B 132 10.30 -3.05 -17.12
N ALA B 133 9.13 -3.65 -17.33
CA ALA B 133 8.46 -3.55 -18.62
C ALA B 133 8.15 -2.09 -18.94
N PHE B 134 8.31 -1.72 -20.21
CA PHE B 134 8.00 -0.36 -20.66
C PHE B 134 6.53 -0.34 -21.07
N VAL B 135 5.66 -0.22 -20.08
CA VAL B 135 4.23 -0.27 -20.34
C VAL B 135 3.69 1.09 -20.78
N LEU B 136 4.01 2.15 -20.04
CA LEU B 136 3.41 3.43 -20.32
C LEU B 136 4.34 4.32 -21.13
N PRO B 137 3.77 5.08 -22.05
CA PRO B 137 4.53 6.11 -22.77
C PRO B 137 4.60 7.42 -22.00
N HIS B 138 5.55 8.26 -22.43
CA HIS B 138 5.75 9.59 -21.85
C HIS B 138 4.80 10.58 -22.52
N PHE B 139 3.50 10.34 -22.34
CA PHE B 139 2.50 10.91 -23.24
C PHE B 139 2.03 12.30 -22.84
N ARG B 140 2.40 12.79 -21.67
CA ARG B 140 1.88 14.05 -21.18
C ARG B 140 2.75 14.55 -20.04
N SER B 141 2.54 15.81 -19.68
CA SER B 141 3.13 16.38 -18.47
CA SER B 141 3.18 16.34 -18.48
C SER B 141 2.58 15.67 -17.24
N GLY B 142 3.36 15.68 -16.16
CA GLY B 142 2.89 15.16 -14.88
C GLY B 142 3.18 13.69 -14.60
N LEU B 143 4.01 13.05 -15.41
CA LEU B 143 4.35 11.64 -15.23
C LEU B 143 5.71 11.53 -14.57
N LEU B 144 5.87 10.50 -13.74
CA LEU B 144 7.12 10.18 -13.06
C LEU B 144 7.81 9.06 -13.83
N SER B 145 9.10 9.24 -14.11
CA SER B 145 9.84 8.29 -14.92
C SER B 145 11.27 8.19 -14.39
N LEU B 146 11.91 7.05 -14.69
CA LEU B 146 13.26 6.78 -14.21
C LEU B 146 14.31 7.42 -15.08
N ALA B 147 15.20 8.21 -14.49
CA ALA B 147 16.42 8.61 -15.17
C ALA B 147 17.42 7.46 -15.11
N ASN B 148 18.31 7.38 -16.09
CA ASN B 148 19.29 6.28 -16.09
C ASN B 148 20.45 6.68 -16.99
N SER B 149 21.37 5.76 -17.23
CA SER B 149 22.49 6.00 -18.15
CA SER B 149 22.49 5.99 -18.14
C SER B 149 22.63 4.85 -19.13
N GLY B 150 21.50 4.39 -19.66
CA GLY B 150 21.50 3.28 -20.58
C GLY B 150 20.74 2.10 -20.00
N PRO B 151 20.67 1.00 -20.72
CA PRO B 151 19.86 -0.14 -20.27
C PRO B 151 20.29 -0.65 -18.89
N ASP B 152 19.28 -0.91 -18.04
CA ASP B 152 19.49 -1.52 -16.73
C ASP B 152 20.44 -0.74 -15.81
N THR B 153 20.23 0.57 -15.72
CA THR B 153 21.07 1.40 -14.88
C THR B 153 20.23 2.32 -13.99
N ASN B 154 19.05 1.86 -13.58
CA ASN B 154 18.19 2.63 -12.71
C ASN B 154 18.76 2.66 -11.30
N GLY B 155 18.51 3.76 -10.60
CA GLY B 155 19.03 3.91 -9.25
C GLY B 155 18.09 4.73 -8.39
N CYS B 156 18.44 5.99 -8.14
CA CYS B 156 17.65 6.87 -7.30
C CYS B 156 17.09 8.07 -8.04
N GLN B 157 17.67 8.44 -9.18
CA GLN B 157 17.19 9.63 -9.87
C GLN B 157 15.90 9.35 -10.62
N PHE B 158 15.16 10.42 -10.88
CA PHE B 158 13.87 10.35 -11.52
C PHE B 158 13.65 11.68 -12.25
N PHE B 159 12.60 11.73 -13.04
CA PHE B 159 12.16 13.01 -13.60
C PHE B 159 10.64 13.06 -13.61
N ILE B 160 10.13 14.28 -13.59
CA ILE B 160 8.71 14.54 -13.79
C ILE B 160 8.56 15.27 -15.12
N THR B 161 7.73 14.72 -16.00
CA THR B 161 7.57 15.32 -17.32
C THR B 161 6.88 16.68 -17.22
N CYS B 162 7.33 17.61 -18.04
CA CYS B 162 6.72 18.93 -18.17
C CYS B 162 6.14 19.15 -19.56
N ALA B 163 6.14 18.11 -20.38
CA ALA B 163 5.58 18.09 -21.73
C ALA B 163 5.55 16.64 -22.14
N LYS B 164 4.82 16.36 -23.22
CA LYS B 164 4.94 15.07 -23.86
C LYS B 164 6.37 14.90 -24.36
N CYS B 165 6.91 13.70 -24.22
CA CYS B 165 8.32 13.46 -24.57
C CYS B 165 8.50 11.99 -24.95
N ASP B 166 7.77 11.57 -25.99
CA ASP B 166 7.72 10.16 -26.36
C ASP B 166 9.03 9.64 -26.94
N TRP B 167 9.98 10.51 -27.27
CA TRP B 167 11.29 10.01 -27.67
C TRP B 167 12.00 9.28 -26.54
N LEU B 168 11.51 9.40 -25.31
CA LEU B 168 12.05 8.66 -24.17
C LEU B 168 11.46 7.26 -24.04
N ASN B 169 10.43 6.95 -24.83
CA ASN B 169 9.75 5.67 -24.67
C ASN B 169 10.70 4.49 -24.90
N ARG B 170 10.51 3.44 -24.11
CA ARG B 170 11.29 2.20 -24.17
C ARG B 170 12.73 2.40 -23.71
N LYS B 171 13.07 3.57 -23.19
CA LYS B 171 14.37 3.79 -22.60
C LYS B 171 14.28 4.20 -21.13
N HIS B 172 13.10 4.61 -20.68
CA HIS B 172 12.83 5.03 -19.31
C HIS B 172 11.47 4.48 -18.91
N VAL B 173 11.41 3.89 -17.72
CA VAL B 173 10.15 3.33 -17.22
C VAL B 173 9.33 4.44 -16.56
N VAL B 174 8.14 4.67 -17.10
CA VAL B 174 7.16 5.56 -16.47
C VAL B 174 6.48 4.79 -15.36
N PHE B 175 6.58 5.28 -14.12
CA PHE B 175 6.11 4.50 -12.98
C PHE B 175 5.25 5.27 -11.99
N GLY B 176 4.80 6.48 -12.33
CA GLY B 176 3.88 7.17 -11.45
C GLY B 176 3.31 8.41 -12.09
N GLN B 177 2.45 9.09 -11.34
CA GLN B 177 1.85 10.33 -11.82
C GLN B 177 1.60 11.26 -10.64
N VAL B 178 1.77 12.57 -10.85
CA VAL B 178 1.41 13.52 -9.80
C VAL B 178 -0.11 13.63 -9.72
N LEU B 179 -0.61 13.90 -8.53
CA LEU B 179 -2.05 13.93 -8.24
C LEU B 179 -2.46 15.33 -7.82
N GLY B 180 -3.47 15.87 -8.48
CA GLY B 180 -4.08 17.11 -8.04
C GLY B 180 -3.43 18.34 -8.63
N LYS B 181 -4.18 19.44 -8.60
CA LYS B 181 -3.79 20.65 -9.29
C LYS B 181 -2.61 21.32 -8.61
N GLU B 182 -2.57 21.32 -7.27
CA GLU B 182 -1.43 21.90 -6.57
C GLU B 182 -0.12 21.23 -6.97
N SER B 183 -0.13 19.89 -7.09
CA SER B 183 1.06 19.19 -7.52
C SER B 183 1.60 19.75 -8.82
N MET B 184 0.71 19.98 -9.79
CA MET B 184 1.19 20.45 -11.08
C MET B 184 1.59 21.91 -11.03
N GLN B 185 0.93 22.72 -10.18
CA GLN B 185 1.40 24.08 -9.96
C GLN B 185 2.84 24.08 -9.44
N VAL B 186 3.14 23.20 -8.48
CA VAL B 186 4.49 23.13 -7.93
C VAL B 186 5.48 22.68 -8.99
N VAL B 187 5.11 21.66 -9.78
CA VAL B 187 5.97 21.22 -10.87
C VAL B 187 6.29 22.40 -11.79
N ARG B 188 5.26 23.17 -12.15
CA ARG B 188 5.47 24.30 -13.05
C ARG B 188 6.36 25.36 -12.43
N LYS B 189 6.24 25.57 -11.11
CA LYS B 189 7.15 26.52 -10.46
C LYS B 189 8.59 26.06 -10.58
N ILE B 190 8.84 24.78 -10.28
CA ILE B 190 10.21 24.27 -10.37
C ILE B 190 10.72 24.40 -11.79
N GLU B 191 9.87 24.06 -12.76
CA GLU B 191 10.24 24.07 -14.18
C GLU B 191 10.71 25.44 -14.62
N HIS B 192 10.25 26.50 -13.99
CA HIS B 192 10.50 27.86 -14.47
C HIS B 192 11.55 28.63 -13.68
N VAL B 193 12.25 27.98 -12.75
CA VAL B 193 13.28 28.69 -11.99
C VAL B 193 14.47 28.99 -12.90
N THR B 194 15.23 30.01 -12.52
CA THR B 194 16.42 30.39 -13.29
C THR B 194 17.48 29.31 -13.16
N VAL B 195 18.10 28.95 -14.29
CA VAL B 195 19.11 27.90 -14.32
C VAL B 195 20.39 28.45 -14.93
N ASP B 196 21.50 27.78 -14.59
CA ASP B 196 22.79 28.09 -15.20
C ASP B 196 22.92 27.38 -16.56
N GLY B 197 24.11 27.46 -17.16
CA GLY B 197 24.33 26.86 -18.47
C GLY B 197 24.25 25.35 -18.48
N GLY B 198 24.35 24.70 -17.32
CA GLY B 198 24.21 23.27 -17.24
C GLY B 198 22.82 22.84 -16.79
N ASN B 199 21.86 23.78 -16.85
CA ASN B 199 20.46 23.55 -16.46
C ASN B 199 20.32 23.25 -14.97
N ARG B 200 21.29 23.65 -14.19
CA ARG B 200 21.23 23.52 -12.74
C ARG B 200 20.63 24.80 -12.17
N PRO B 201 19.61 24.71 -11.30
CA PRO B 201 19.03 25.95 -10.75
C PRO B 201 20.07 26.76 -10.03
N ARG B 202 19.96 28.09 -10.16
CA ARG B 202 20.87 28.98 -9.48
C ARG B 202 20.65 28.97 -7.98
N ILE B 203 19.41 28.69 -7.55
CA ILE B 203 19.06 28.56 -6.15
C ILE B 203 18.45 27.18 -5.98
N PRO B 204 18.86 26.39 -4.99
CA PRO B 204 18.45 24.99 -4.96
C PRO B 204 16.95 24.81 -4.77
N VAL B 205 16.44 23.76 -5.39
CA VAL B 205 15.06 23.32 -5.27
C VAL B 205 15.12 22.03 -4.46
N THR B 206 14.59 22.03 -3.24
CA THR B 206 14.84 20.96 -2.30
C THR B 206 13.54 20.30 -1.86
N VAL B 207 13.57 18.98 -1.73
CA VAL B 207 12.55 18.19 -1.05
C VAL B 207 12.82 18.33 0.45
N THR B 208 12.06 19.19 1.14
CA THR B 208 12.38 19.44 2.55
C THR B 208 11.79 18.36 3.44
N GLN B 209 10.72 17.72 2.99
CA GLN B 209 10.07 16.64 3.72
C GLN B 209 9.45 15.73 2.67
N CYS B 210 9.39 14.45 2.98
CA CYS B 210 8.73 13.52 2.09
C CYS B 210 8.23 12.34 2.90
N GLY B 211 7.29 11.60 2.32
CA GLY B 211 6.71 10.48 3.04
C GLY B 211 5.60 9.85 2.23
N GLU B 212 4.83 9.01 2.91
CA GLU B 212 3.75 8.25 2.29
C GLU B 212 2.42 8.64 2.91
N LEU B 213 1.41 8.83 2.08
CA LEU B 213 0.07 9.24 2.53
C LEU B 213 -0.85 8.06 2.76
N DAL C 1 20.85 18.00 -26.73
CA DAL C 1 19.40 17.77 -27.01
CB DAL C 1 18.91 19.19 -27.56
C DAL C 1 18.60 17.59 -25.65
O DAL C 1 18.77 18.25 -24.63
N MLE C 2 17.54 16.57 -25.78
CN MLE C 2 17.30 15.74 -27.03
CA MLE C 2 16.65 16.49 -24.55
CB MLE C 2 15.18 16.87 -25.04
CG MLE C 2 15.18 18.37 -25.65
CD1 MLE C 2 13.69 18.72 -26.12
CD2 MLE C 2 15.62 19.44 -24.52
C MLE C 2 16.56 15.01 -24.05
O MLE C 2 15.58 14.31 -24.14
N MLE C 3 17.81 14.52 -23.41
CN MLE C 3 19.10 15.32 -23.26
CA MLE C 3 17.62 13.11 -22.92
CB MLE C 3 19.05 12.38 -23.17
CG MLE C 3 19.19 12.13 -24.77
CD1 MLE C 3 17.82 11.58 -25.36
CD2 MLE C 3 20.36 11.05 -24.92
C MLE C 3 17.53 13.41 -21.34
O MLE C 3 17.69 14.49 -20.79
N MVA C 4 17.33 12.17 -20.55
CN MVA C 4 17.10 10.78 -21.12
CA MVA C 4 17.31 12.39 -19.06
CB MVA C 4 15.91 12.05 -18.43
CG1 MVA C 4 16.11 12.56 -16.91
CG2 MVA C 4 14.83 12.96 -19.18
C MVA C 4 18.33 11.24 -18.57
O MVA C 4 18.04 10.13 -18.14
N TMD C 5 19.77 11.69 -18.73
CN TMD C 5 20.14 13.09 -19.23
CA TMD C 5 20.73 10.61 -18.28
C TMD C 5 21.28 11.11 -16.87
O TMD C 5 21.06 12.22 -16.37
CB TMD C 5 21.95 10.29 -19.25
CD1 TMD C 5 22.56 9.70 -21.70
CD2 TMD C 5 20.33 8.76 -20.72
CE TMD C 5 23.50 8.54 -21.07
CZ TMD C 5 24.82 8.37 -21.99
CH TMD C 5 25.88 7.38 -21.28
OG2 TMD C 5 22.77 11.51 -19.26
CG1 TMD C 5 21.33 10.02 -20.72
N ABA C 6 22.09 9.95 -16.32
CA ABA C 6 22.66 10.26 -14.93
C ABA C 6 24.23 10.11 -14.98
O ABA C 6 24.80 9.04 -14.73
CB ABA C 6 22.07 9.10 -13.94
CG ABA C 6 20.46 9.18 -14.00
N SAR C 7 24.97 11.41 -15.32
CA SAR C 7 26.49 11.24 -15.26
C SAR C 7 27.07 11.90 -16.59
O SAR C 7 27.71 12.97 -16.59
CN SAR C 7 24.29 12.78 -15.63
N MLE C 8 26.74 11.13 -17.87
CN MLE C 8 25.93 9.82 -17.94
CA MLE C 8 27.28 11.77 -19.17
CB MLE C 8 28.01 10.66 -20.07
CG MLE C 8 29.34 10.20 -19.23
CD1 MLE C 8 30.26 9.37 -20.28
CD2 MLE C 8 30.16 11.49 -18.68
C MLE C 8 25.93 12.29 -19.86
O MLE C 8 25.16 11.59 -20.52
N VAL C 9 25.72 13.77 -19.55
CA VAL C 9 24.46 14.35 -20.18
C VAL C 9 24.89 14.50 -21.70
N MLE C 10 23.88 13.99 -22.70
CN MLE C 10 22.52 13.41 -22.30
CA MLE C 10 24.31 14.16 -24.14
CB MLE C 10 23.86 12.91 -25.07
CG MLE C 10 24.57 11.59 -24.45
CD1 MLE C 10 26.16 11.84 -24.17
CD2 MLE C 10 24.33 10.37 -25.47
C MLE C 10 23.51 15.48 -24.55
O MLE C 10 22.69 16.09 -23.86
N ALA C 11 23.86 15.89 -25.94
CA ALA C 11 23.16 17.13 -26.39
C ALA C 11 21.62 16.73 -26.55
N DAL D 1 -12.65 -26.30 24.72
CA DAL D 1 -11.58 -25.25 24.99
CB DAL D 1 -11.54 -24.94 26.57
C DAL D 1 -12.10 -23.95 24.18
O DAL D 1 -13.27 -23.73 23.80
N MLE D 2 -10.97 -22.95 23.92
CN MLE D 2 -9.50 -23.17 24.33
CA MLE D 2 -11.53 -21.73 23.15
CB MLE D 2 -11.56 -20.38 24.07
CG MLE D 2 -12.96 -20.34 24.95
CD1 MLE D 2 -13.02 -18.96 25.80
CD2 MLE D 2 -14.30 -20.50 24.05
C MLE D 2 -10.47 -21.64 21.93
O MLE D 2 -9.46 -20.92 21.87
N MLE D 3 -10.77 -22.66 20.84
CN MLE D 3 -11.96 -23.64 20.81
CA MLE D 3 -9.68 -22.53 19.76
CB MLE D 3 -9.38 -24.10 19.37
CG MLE D 3 -8.53 -24.79 20.58
CD1 MLE D 3 -7.12 -24.04 20.81
CD2 MLE D 3 -8.32 -26.33 20.16
C MLE D 3 -10.50 -21.86 18.56
O MLE D 3 -11.72 -21.64 18.52
N MVA D 4 -9.56 -21.57 17.41
CN MVA D 4 -8.04 -21.81 17.42
CA MVA D 4 -10.32 -21.01 16.20
CB MVA D 4 -9.86 -19.54 15.89
CG1 MVA D 4 -10.94 -19.09 14.77
CG2 MVA D 4 -10.09 -18.68 17.22
C MVA D 4 -9.76 -21.98 15.02
O MVA D 4 -8.80 -21.74 14.28
N TMD D 5 -10.58 -23.27 14.98
CN TMD D 5 -11.79 -23.58 15.89
CA TMD D 5 -10.01 -24.16 13.89
C TMD D 5 -11.09 -24.00 12.73
O TMD D 5 -12.16 -23.39 12.76
CB TMD D 5 -9.75 -25.70 14.25
CD1 TMD D 5 -8.55 -27.26 15.88
CD2 TMD D 5 -7.42 -24.96 15.28
CE TMD D 5 -7.89 -27.97 14.58
CZ TMD D 5 -7.73 -29.56 14.87
CH TMD D 5 -7.28 -30.33 13.53
OG2 TMD D 5 -11.06 -26.25 14.57
CG1 TMD D 5 -8.82 -25.71 15.57
N ABA D 6 -10.52 -24.75 11.53
CA ABA D 6 -11.39 -24.66 10.26
C ABA D 6 -11.74 -26.13 9.83
O ABA D 6 -11.11 -26.70 8.94
CB ABA D 6 -10.41 -23.99 9.15
CG ABA D 6 -10.15 -22.46 9.65
N SAR D 7 -12.92 -26.78 10.56
CA SAR D 7 -13.21 -28.18 10.03
C SAR D 7 -13.61 -29.05 11.31
O SAR D 7 -14.76 -29.44 11.56
CN SAR D 7 -13.77 -26.10 11.66
N MLE D 8 -12.46 -29.35 12.25
CN MLE D 8 -11.01 -28.89 12.01
CA MLE D 8 -12.90 -30.16 13.48
CB MLE D 8 -11.91 -31.40 13.73
CG MLE D 8 -11.96 -32.33 12.39
CD1 MLE D 8 -10.92 -33.55 12.63
CD2 MLE D 8 -13.47 -32.86 12.17
C MLE D 8 -12.75 -29.09 14.66
O MLE D 8 -11.62 -28.82 15.12
N VAL D 9 -14.07 -28.46 15.08
CA VAL D 9 -14.03 -27.43 16.22
C VAL D 9 -13.69 -28.43 17.45
N MLE D 10 -12.44 -28.10 18.28
CN MLE D 10 -11.57 -26.85 18.03
CA MLE D 10 -12.15 -29.05 19.44
CB MLE D 10 -10.54 -29.29 19.59
CG MLE D 10 -9.98 -30.03 18.25
CD1 MLE D 10 -10.90 -31.32 17.86
CD2 MLE D 10 -8.40 -30.39 18.42
C MLE D 10 -12.79 -28.21 20.68
O MLE D 10 -13.22 -27.04 20.60
N ALA D 11 -12.80 -29.01 21.96
CA ALA D 11 -13.38 -28.31 23.19
C ALA D 11 -12.30 -27.17 23.51
#